data_2WO2
#
_entry.id   2WO2
#
_cell.length_a   107.371
_cell.length_b   107.371
_cell.length_c   47.619
_cell.angle_alpha   90.00
_cell.angle_beta   90.00
_cell.angle_gamma   120.00
#
_symmetry.space_group_name_H-M   'P 61'
#
loop_
_entity.id
_entity.type
_entity.pdbx_description
1 polymer 'EPHRIN TYPE-A RECEPTOR'
2 polymer EPHRIN-B2
3 non-polymer 2-acetamido-2-deoxy-beta-D-glucopyranose
4 water water
#
loop_
_entity_poly.entity_id
_entity_poly.type
_entity_poly.pdbx_seq_one_letter_code
_entity_poly.pdbx_strand_id
1 'polypeptide(L)'
;ETGEVTLLDSRSVQGELGWIASPLEGGWEEVSIMDEKNTPIRTYQVCNVMEPSQNNWLRTDWITREGAQRVYIEIKFTLR
DCNSLPGVMGTCKETFNLYYYESDNDKERFIRENQFVKIDTIAADESFTQVDIGDRIMKLNTEIRDVGPLSKKGFYLAFQ
DVGACIALVSVRVFYKRTKHHHHHH
;
A
2 'polypeptide(L)'
;ETGSIVLEPIYWNSSNSKFLPGQGLVLYPQIGDKLDIICPKVDSKTVGQYEYYKVYMVDKDQADRCTIKKENTPLLNCAK
PDQDIKFTIKFQEFSPNLWGLEFQKNKDYYIISTSNGSLEGLDNQEGGVCQTRAMKILMKVGQDGTKHHHHHH
;
B
#
# COMPACT_ATOMS: atom_id res chain seq x y z
N THR A 2 8.67 -23.11 -1.36
CA THR A 2 9.15 -23.06 0.05
C THR A 2 10.58 -23.54 0.18
N GLY A 3 11.35 -23.41 -0.91
CA GLY A 3 12.77 -23.72 -0.92
C GLY A 3 13.53 -22.53 -1.49
N GLU A 4 13.35 -21.38 -0.85
CA GLU A 4 13.88 -20.12 -1.37
C GLU A 4 13.92 -19.03 -0.30
N VAL A 5 15.07 -18.36 -0.19
CA VAL A 5 15.32 -17.40 0.88
C VAL A 5 15.03 -15.98 0.40
N THR A 6 14.18 -15.28 1.15
CA THR A 6 13.76 -13.93 0.81
C THR A 6 14.85 -12.90 1.10
N LEU A 7 15.25 -12.15 0.07
CA LEU A 7 16.17 -11.02 0.23
C LEU A 7 15.39 -9.71 0.41
N LEU A 8 14.17 -9.66 -0.12
CA LEU A 8 13.25 -8.56 0.15
C LEU A 8 11.83 -9.00 -0.13
N ASP A 9 10.92 -8.62 0.76
CA ASP A 9 9.49 -8.75 0.51
C ASP A 9 8.82 -7.48 0.98
N SER A 10 8.26 -6.71 0.04
CA SER A 10 7.58 -5.47 0.36
C SER A 10 6.35 -5.67 1.25
N ARG A 11 5.81 -6.89 1.25
CA ARG A 11 4.67 -7.23 2.10
C ARG A 11 5.04 -7.29 3.58
N SER A 12 6.32 -7.55 3.89
CA SER A 12 6.76 -7.68 5.29
C SER A 12 6.85 -6.34 6.01
N VAL A 13 6.99 -5.25 5.23
CA VAL A 13 7.10 -3.90 5.78
C VAL A 13 5.74 -3.37 6.26
N GLN A 14 5.65 -3.06 7.55
CA GLN A 14 4.39 -2.63 8.19
C GLN A 14 4.26 -1.11 8.31
N GLY A 15 5.38 -0.42 8.48
CA GLY A 15 5.41 1.04 8.52
C GLY A 15 5.29 1.59 7.11
N GLU A 16 6.43 1.86 6.48
CA GLU A 16 6.42 2.22 5.07
C GLU A 16 7.71 1.84 4.36
N LEU A 17 7.59 1.56 3.06
CA LEU A 17 8.74 1.21 2.24
C LEU A 17 9.64 2.43 2.09
N GLY A 18 9.01 3.58 1.83
CA GLY A 18 9.75 4.83 1.69
C GLY A 18 10.86 4.74 0.67
N TRP A 19 10.53 4.19 -0.50
CA TRP A 19 11.49 4.07 -1.59
C TRP A 19 11.59 5.42 -2.28
N ILE A 20 12.74 5.68 -2.91
CA ILE A 20 12.94 6.96 -3.57
C ILE A 20 12.29 6.93 -4.97
N ALA A 21 11.73 8.05 -5.40
CA ALA A 21 10.99 8.13 -6.66
C ALA A 21 11.29 9.43 -7.40
N SER A 22 11.40 9.34 -8.72
CA SER A 22 11.64 10.50 -9.58
C SER A 22 10.58 10.59 -10.68
N PRO A 23 9.68 11.59 -10.61
CA PRO A 23 9.53 12.65 -9.61
C PRO A 23 9.04 12.13 -8.27
N LEU A 24 9.30 12.89 -7.19
CA LEU A 24 8.90 12.46 -5.85
C LEU A 24 7.41 12.62 -5.61
N GLU A 25 6.77 13.54 -6.36
CA GLU A 25 5.32 13.69 -6.32
C GLU A 25 4.74 13.79 -7.74
N GLY A 26 3.58 13.17 -7.94
CA GLY A 26 2.90 13.17 -9.23
C GLY A 26 3.25 11.97 -10.09
N GLY A 27 4.16 11.13 -9.60
CA GLY A 27 4.55 9.91 -10.29
C GLY A 27 4.17 8.71 -9.44
N TRP A 28 5.12 7.81 -9.23
CA TRP A 28 4.86 6.67 -8.34
C TRP A 28 4.53 7.19 -6.95
N GLU A 29 3.58 6.55 -6.29
CA GLU A 29 3.14 6.98 -4.97
C GLU A 29 2.77 5.79 -4.13
N GLU A 30 2.95 5.91 -2.82
CA GLU A 30 2.78 4.81 -1.90
C GLU A 30 1.39 4.84 -1.28
N VAL A 31 0.72 3.70 -1.28
CA VAL A 31 -0.59 3.55 -0.68
C VAL A 31 -0.72 2.15 -0.08
N SER A 32 -1.56 2.02 0.93
CA SER A 32 -1.85 0.71 1.49
C SER A 32 -3.04 0.04 0.80
N ILE A 33 -3.06 -1.29 0.83
CA ILE A 33 -4.22 -2.09 0.41
C ILE A 33 -4.47 -3.21 1.39
N MET A 34 -5.64 -3.84 1.28
CA MET A 34 -5.92 -5.09 1.97
C MET A 34 -5.77 -6.19 0.95
N ASP A 35 -4.77 -7.05 1.17
CA ASP A 35 -4.33 -8.03 0.17
C ASP A 35 -5.16 -9.33 0.17
N GLU A 36 -4.71 -10.30 -0.63
CA GLU A 36 -5.32 -11.63 -0.77
C GLU A 36 -5.47 -12.37 0.55
N LYS A 37 -4.50 -12.17 1.44
CA LYS A 37 -4.49 -12.83 2.74
C LYS A 37 -5.22 -11.98 3.79
N ASN A 38 -6.02 -11.01 3.33
CA ASN A 38 -6.73 -10.08 4.20
C ASN A 38 -5.80 -9.38 5.21
N THR A 39 -4.68 -8.91 4.67
CA THR A 39 -3.61 -8.28 5.43
C THR A 39 -3.23 -6.95 4.77
N PRO A 40 -3.11 -5.87 5.57
CA PRO A 40 -2.71 -4.58 5.01
C PRO A 40 -1.25 -4.59 4.58
N ILE A 41 -0.99 -4.22 3.33
CA ILE A 41 0.38 -4.17 2.82
C ILE A 41 0.69 -2.83 2.16
N ARG A 42 1.96 -2.65 1.83
CA ARG A 42 2.47 -1.41 1.28
C ARG A 42 2.73 -1.60 -0.21
N THR A 43 2.14 -0.73 -1.02
CA THR A 43 2.18 -0.84 -2.48
C THR A 43 2.58 0.47 -3.14
N TYR A 44 2.96 0.38 -4.42
CA TYR A 44 3.31 1.55 -5.22
C TYR A 44 2.52 1.57 -6.53
N GLN A 45 2.06 2.75 -6.91
CA GLN A 45 1.20 2.89 -8.09
C GLN A 45 1.43 4.21 -8.81
N VAL A 46 1.05 4.22 -10.07
CA VAL A 46 1.11 5.42 -10.91
C VAL A 46 0.07 5.29 -12.03
N CYS A 47 -0.60 6.38 -12.36
CA CYS A 47 -1.67 6.36 -13.35
C CYS A 47 -1.77 7.73 -14.05
N ASN A 48 -0.68 8.10 -14.72
CA ASN A 48 -0.61 9.35 -15.47
C ASN A 48 -0.81 9.07 -16.96
N VAL A 49 -1.91 8.40 -17.28
CA VAL A 49 -2.16 7.91 -18.63
C VAL A 49 -2.46 9.01 -19.64
N MET A 50 -3.07 10.11 -19.19
CA MET A 50 -3.39 11.26 -20.06
C MET A 50 -2.22 12.23 -20.27
N GLU A 51 -1.12 12.03 -19.54
CA GLU A 51 0.02 12.94 -19.61
C GLU A 51 1.09 12.35 -20.54
N PRO A 52 1.60 13.16 -21.48
CA PRO A 52 2.59 12.61 -22.41
C PRO A 52 4.00 12.55 -21.82
N SER A 53 4.87 11.79 -22.49
CA SER A 53 6.30 11.74 -22.19
C SER A 53 6.56 11.40 -20.73
N GLN A 54 5.95 10.31 -20.29
CA GLN A 54 6.09 9.84 -18.93
C GLN A 54 7.37 9.04 -18.76
N ASN A 55 8.07 9.35 -17.68
CA ASN A 55 9.32 8.72 -17.34
C ASN A 55 9.42 8.71 -15.82
N ASN A 56 8.59 7.88 -15.21
CA ASN A 56 8.46 7.84 -13.76
C ASN A 56 9.29 6.71 -13.19
N TRP A 57 10.28 7.06 -12.38
CA TRP A 57 11.20 6.08 -11.82
C TRP A 57 10.91 5.82 -10.36
N LEU A 58 10.92 4.54 -9.98
CA LEU A 58 10.79 4.11 -8.61
C LEU A 58 11.99 3.24 -8.30
N ARG A 59 12.55 3.38 -7.10
CA ARG A 59 13.78 2.70 -6.77
C ARG A 59 13.77 2.18 -5.33
N THR A 60 14.02 0.88 -5.18
CA THR A 60 14.02 0.24 -3.86
C THR A 60 15.18 0.72 -3.00
N ASP A 61 15.13 0.39 -1.72
CA ASP A 61 16.31 0.48 -0.87
C ASP A 61 17.33 -0.56 -1.33
N TRP A 62 18.56 -0.42 -0.84
CA TRP A 62 19.63 -1.37 -1.15
C TRP A 62 19.27 -2.76 -0.63
N ILE A 63 19.43 -3.77 -1.48
CA ILE A 63 19.16 -5.16 -1.12
C ILE A 63 20.47 -5.95 -1.09
N THR A 64 20.77 -6.56 0.06
CA THR A 64 21.95 -7.43 0.17
C THR A 64 21.69 -8.75 -0.56
N ARG A 65 22.72 -9.24 -1.25
CA ARG A 65 22.67 -10.52 -1.94
C ARG A 65 22.67 -11.70 -0.98
N GLU A 66 23.32 -11.51 0.16
CA GLU A 66 23.72 -12.63 1.01
C GLU A 66 24.59 -13.60 0.20
N GLY A 67 25.50 -13.05 -0.60
CA GLY A 67 26.48 -13.83 -1.36
C GLY A 67 25.94 -14.76 -2.44
N ALA A 68 24.65 -14.63 -2.76
CA ALA A 68 24.03 -15.43 -3.82
C ALA A 68 24.22 -14.70 -5.14
N GLN A 69 24.92 -15.32 -6.08
CA GLN A 69 25.22 -14.66 -7.35
C GLN A 69 24.03 -14.60 -8.31
N ARG A 70 23.08 -15.53 -8.19
CA ARG A 70 21.85 -15.49 -8.99
C ARG A 70 20.64 -15.23 -8.11
N VAL A 71 19.92 -14.14 -8.40
CA VAL A 71 18.78 -13.69 -7.60
C VAL A 71 17.51 -13.54 -8.46
N TYR A 72 16.39 -13.96 -7.91
CA TYR A 72 15.10 -13.96 -8.60
C TYR A 72 14.22 -12.82 -8.10
N ILE A 73 13.49 -12.19 -9.01
CA ILE A 73 12.66 -11.03 -8.69
C ILE A 73 11.21 -11.25 -9.08
N GLU A 74 10.34 -11.43 -8.09
CA GLU A 74 8.91 -11.66 -8.31
C GLU A 74 8.13 -10.36 -8.12
N ILE A 75 7.46 -9.92 -9.19
CA ILE A 75 6.64 -8.73 -9.17
C ILE A 75 5.18 -9.10 -9.41
N LYS A 76 4.33 -8.84 -8.44
CA LYS A 76 2.89 -8.99 -8.60
C LYS A 76 2.28 -7.62 -8.78
N PHE A 77 1.57 -7.44 -9.89
CA PHE A 77 1.06 -6.13 -10.26
C PHE A 77 -0.29 -6.22 -10.96
N THR A 78 -1.01 -5.09 -10.97
CA THR A 78 -2.27 -4.99 -11.69
C THR A 78 -2.24 -3.78 -12.61
N LEU A 79 -3.02 -3.86 -13.68
CA LEU A 79 -3.14 -2.81 -14.68
C LEU A 79 -4.60 -2.42 -14.82
N ARG A 80 -4.93 -1.19 -14.44
CA ARG A 80 -6.28 -0.68 -14.64
C ARG A 80 -6.43 -0.34 -16.12
N ASP A 81 -7.48 -0.88 -16.73
CA ASP A 81 -7.79 -0.64 -18.12
C ASP A 81 -7.97 0.87 -18.36
N CYS A 82 -7.13 1.45 -19.19
CA CYS A 82 -7.09 2.91 -19.33
C CYS A 82 -8.39 3.46 -19.91
N ASN A 83 -9.02 2.69 -20.80
CA ASN A 83 -10.34 3.04 -21.34
C ASN A 83 -11.51 2.92 -20.35
N SER A 84 -11.23 2.48 -19.12
CA SER A 84 -12.20 2.55 -18.03
C SER A 84 -12.10 3.88 -17.28
N LEU A 85 -11.07 4.68 -17.60
CA LEU A 85 -10.86 5.98 -16.97
C LEU A 85 -11.53 7.08 -17.79
N PRO A 86 -12.01 8.15 -17.11
CA PRO A 86 -12.72 9.22 -17.80
C PRO A 86 -11.84 9.92 -18.85
N GLY A 87 -12.41 10.15 -20.04
CA GLY A 87 -11.72 10.86 -21.10
C GLY A 87 -10.73 10.06 -21.93
N VAL A 88 -10.10 9.04 -21.33
CA VAL A 88 -9.01 8.31 -21.99
C VAL A 88 -9.52 7.39 -23.08
N MET A 89 -9.28 7.76 -24.33
CA MET A 89 -9.91 7.10 -25.49
C MET A 89 -8.99 6.06 -26.15
N GLY A 90 -7.68 6.24 -26.04
CA GLY A 90 -6.73 5.60 -26.94
C GLY A 90 -6.25 4.21 -26.56
N THR A 91 -5.13 3.83 -27.15
CA THR A 91 -4.45 2.58 -26.83
C THR A 91 -3.72 2.73 -25.49
N CYS A 92 -3.82 1.72 -24.63
CA CYS A 92 -3.26 1.76 -23.28
C CYS A 92 -1.81 1.28 -23.28
N LYS A 93 -0.98 1.93 -22.46
CA LYS A 93 0.35 1.41 -22.14
C LYS A 93 0.14 0.22 -21.23
N GLU A 94 0.68 -0.95 -21.61
CA GLU A 94 0.46 -2.20 -20.89
C GLU A 94 1.76 -2.83 -20.37
N THR A 95 2.83 -2.05 -20.35
CA THR A 95 4.13 -2.51 -19.90
C THR A 95 4.79 -1.51 -18.97
N PHE A 96 5.77 -1.99 -18.20
CA PHE A 96 6.75 -1.14 -17.55
C PHE A 96 8.11 -1.81 -17.70
N ASN A 97 9.19 -1.11 -17.35
CA ASN A 97 10.55 -1.63 -17.48
C ASN A 97 11.19 -1.86 -16.13
N LEU A 98 11.93 -2.96 -16.02
CA LEU A 98 12.59 -3.35 -14.79
C LEU A 98 14.09 -3.22 -14.98
N TYR A 99 14.74 -2.54 -14.04
CA TYR A 99 16.19 -2.34 -14.09
C TYR A 99 16.87 -2.77 -12.80
N TYR A 100 18.20 -2.85 -12.85
CA TYR A 100 18.98 -3.02 -11.64
C TYR A 100 20.31 -2.30 -11.69
N TYR A 101 20.93 -2.17 -10.52
CA TYR A 101 22.21 -1.53 -10.38
C TYR A 101 22.93 -2.16 -9.22
N GLU A 102 24.07 -2.78 -9.48
CA GLU A 102 24.91 -3.35 -8.43
C GLU A 102 25.69 -2.24 -7.74
N SER A 103 25.78 -2.31 -6.43
CA SER A 103 26.53 -1.34 -5.65
C SER A 103 26.94 -1.89 -4.29
N ASP A 104 28.16 -1.56 -3.88
CA ASP A 104 28.59 -1.80 -2.51
C ASP A 104 27.95 -0.74 -1.59
N ASN A 105 27.72 0.46 -2.13
CA ASN A 105 27.09 1.55 -1.39
C ASN A 105 25.62 1.27 -1.10
N ASP A 106 25.27 1.25 0.19
CA ASP A 106 23.91 0.94 0.62
C ASP A 106 23.03 2.17 0.80
N LYS A 107 23.58 3.35 0.50
CA LYS A 107 22.85 4.62 0.63
C LYS A 107 23.10 5.51 -0.59
N GLU A 108 22.74 5.02 -1.77
CA GLU A 108 22.77 5.85 -2.99
C GLU A 108 21.70 6.94 -2.84
N ARG A 109 22.09 8.19 -3.08
CA ARG A 109 21.23 9.34 -2.80
C ARG A 109 20.14 9.54 -3.86
N PHE A 110 20.54 9.47 -5.13
CA PHE A 110 19.67 9.83 -6.24
C PHE A 110 19.55 8.72 -7.26
N ILE A 111 18.47 8.76 -8.04
CA ILE A 111 18.30 7.88 -9.19
C ILE A 111 19.10 8.45 -10.37
N ARG A 112 20.19 7.77 -10.73
CA ARG A 112 21.00 8.15 -11.89
C ARG A 112 20.60 7.26 -13.07
N GLU A 113 19.67 7.76 -13.89
CA GLU A 113 18.99 6.95 -14.91
C GLU A 113 19.91 6.10 -15.78
N ASN A 114 20.95 6.72 -16.33
CA ASN A 114 21.86 6.01 -17.24
C ASN A 114 22.71 4.92 -16.58
N GLN A 115 22.80 4.94 -15.24
CA GLN A 115 23.56 3.93 -14.50
C GLN A 115 22.79 2.62 -14.28
N PHE A 116 21.48 2.63 -14.52
CA PHE A 116 20.67 1.43 -14.35
C PHE A 116 20.69 0.55 -15.60
N VAL A 117 20.72 -0.76 -15.38
CA VAL A 117 20.75 -1.76 -16.45
C VAL A 117 19.38 -2.43 -16.59
N LYS A 118 18.86 -2.47 -17.81
CA LYS A 118 17.51 -3.01 -18.06
C LYS A 118 17.49 -4.54 -17.99
N ILE A 119 16.71 -5.06 -17.06
CA ILE A 119 16.51 -6.51 -16.95
C ILE A 119 15.55 -6.93 -18.05
N ASP A 120 14.37 -6.30 -18.09
CA ASP A 120 13.36 -6.63 -19.09
C ASP A 120 12.19 -5.63 -19.10
N THR A 121 11.48 -5.58 -20.21
CA THR A 121 10.17 -4.94 -20.28
C THR A 121 9.13 -5.96 -19.81
N ILE A 122 8.39 -5.64 -18.75
CA ILE A 122 7.42 -6.57 -18.17
C ILE A 122 6.02 -6.22 -18.67
N ALA A 123 5.29 -7.22 -19.16
CA ALA A 123 3.98 -7.01 -19.77
C ALA A 123 2.87 -7.51 -18.86
N ALA A 124 1.77 -6.76 -18.80
CA ALA A 124 0.57 -7.21 -18.10
C ALA A 124 -0.20 -8.22 -18.94
N ASP A 125 -0.27 -9.45 -18.46
CA ASP A 125 -1.06 -10.49 -19.12
C ASP A 125 -2.53 -10.08 -19.18
N GLU A 126 -2.96 -9.34 -18.15
CA GLU A 126 -4.36 -9.08 -17.91
C GLU A 126 -4.56 -7.70 -17.27
N SER A 127 -5.67 -7.04 -17.61
CA SER A 127 -6.03 -5.77 -16.98
C SER A 127 -7.39 -5.90 -16.31
N PHE A 128 -7.75 -4.90 -15.51
CA PHE A 128 -9.03 -4.88 -14.79
C PHE A 128 -9.69 -3.51 -14.97
N THR A 129 -11.00 -3.48 -14.81
CA THR A 129 -11.78 -2.25 -14.95
C THR A 129 -12.53 -1.84 -13.67
N GLN A 130 -12.69 -2.78 -12.75
CA GLN A 130 -13.42 -2.56 -11.52
C GLN A 130 -12.64 -3.11 -10.32
N VAL A 131 -12.53 -2.30 -9.28
CA VAL A 131 -11.91 -2.73 -8.03
C VAL A 131 -12.71 -3.86 -7.39
N ASP A 132 -11.98 -4.78 -6.77
CA ASP A 132 -12.56 -5.89 -6.06
C ASP A 132 -12.98 -5.45 -4.66
N ILE A 133 -14.27 -5.63 -4.34
CA ILE A 133 -14.85 -5.16 -3.08
C ILE A 133 -14.65 -6.16 -1.93
N GLY A 134 -15.28 -7.33 -2.04
CA GLY A 134 -15.22 -8.34 -0.98
C GLY A 134 -13.96 -9.19 -0.99
N ASP A 135 -14.12 -10.48 -1.29
CA ASP A 135 -13.02 -11.44 -1.27
C ASP A 135 -12.07 -11.24 -2.46
N ARG A 136 -10.78 -11.32 -2.19
CA ARG A 136 -9.76 -11.11 -3.21
C ARG A 136 -9.73 -12.25 -4.21
N ILE A 137 -10.00 -11.92 -5.47
CA ILE A 137 -9.94 -12.85 -6.58
C ILE A 137 -8.55 -12.76 -7.19
N MET A 138 -7.90 -13.91 -7.40
CA MET A 138 -6.52 -13.94 -7.92
C MET A 138 -6.48 -13.65 -9.42
N LYS A 139 -6.48 -12.36 -9.75
CA LYS A 139 -6.35 -11.92 -11.14
C LYS A 139 -5.15 -11.00 -11.29
N LEU A 140 -4.25 -10.99 -10.31
CA LEU A 140 -3.03 -10.22 -10.42
C LEU A 140 -2.04 -10.88 -11.38
N ASN A 141 -1.19 -10.04 -11.96
CA ASN A 141 -0.15 -10.51 -12.85
C ASN A 141 1.07 -10.88 -12.00
N THR A 142 1.71 -12.00 -12.32
CA THR A 142 2.94 -12.41 -11.64
C THR A 142 4.03 -12.61 -12.69
N GLU A 143 5.11 -11.85 -12.56
CA GLU A 143 6.24 -11.97 -13.46
C GLU A 143 7.54 -12.14 -12.68
N ILE A 144 8.30 -13.18 -13.02
CA ILE A 144 9.57 -13.46 -12.37
C ILE A 144 10.70 -13.34 -13.40
N ARG A 145 11.75 -12.63 -13.01
CA ARG A 145 12.98 -12.53 -13.80
C ARG A 145 14.14 -12.80 -12.85
N ASP A 146 15.32 -13.10 -13.40
CA ASP A 146 16.52 -13.26 -12.57
C ASP A 146 17.67 -12.40 -13.09
N VAL A 147 18.62 -12.12 -12.19
CA VAL A 147 19.82 -11.36 -12.53
C VAL A 147 21.06 -12.01 -11.92
N GLY A 148 22.15 -12.02 -12.67
CA GLY A 148 23.39 -12.63 -12.22
C GLY A 148 24.26 -13.14 -13.37
N PRO A 149 25.54 -13.43 -13.09
CA PRO A 149 26.18 -13.43 -11.77
C PRO A 149 26.36 -12.04 -11.17
N LEU A 150 26.00 -11.89 -9.91
CA LEU A 150 26.18 -10.63 -9.19
C LEU A 150 27.56 -10.60 -8.56
N SER A 151 28.22 -9.45 -8.63
CA SER A 151 29.60 -9.28 -8.17
C SER A 151 29.72 -8.55 -6.84
N LYS A 152 28.83 -7.59 -6.59
CA LYS A 152 28.98 -6.65 -5.48
C LYS A 152 28.12 -7.03 -4.27
N LYS A 153 28.31 -6.34 -3.15
CA LYS A 153 27.63 -6.67 -1.88
C LYS A 153 26.11 -6.72 -2.01
N GLY A 154 25.55 -5.78 -2.76
CA GLY A 154 24.10 -5.71 -2.94
C GLY A 154 23.71 -4.91 -4.18
N PHE A 155 22.42 -4.66 -4.33
CA PHE A 155 21.91 -4.05 -5.55
C PHE A 155 20.59 -3.33 -5.33
N TYR A 156 20.23 -2.50 -6.31
CA TYR A 156 18.97 -1.76 -6.31
C TYR A 156 18.11 -2.22 -7.48
N LEU A 157 16.80 -2.32 -7.24
CA LEU A 157 15.85 -2.54 -8.32
C LEU A 157 15.13 -1.24 -8.60
N ALA A 158 14.90 -0.95 -9.88
CA ALA A 158 14.15 0.23 -10.26
C ALA A 158 13.07 -0.14 -11.26
N PHE A 159 11.96 0.61 -11.23
CA PHE A 159 10.86 0.42 -12.16
C PHE A 159 10.64 1.72 -12.90
N GLN A 160 10.49 1.63 -14.22
CA GLN A 160 10.21 2.79 -15.04
C GLN A 160 8.80 2.66 -15.60
N ASP A 161 7.95 3.63 -15.27
CA ASP A 161 6.65 3.72 -15.89
C ASP A 161 6.71 4.75 -17.02
N VAL A 162 6.11 4.40 -18.15
CA VAL A 162 6.07 5.24 -19.34
C VAL A 162 4.65 5.66 -19.71
N GLY A 163 3.72 5.59 -18.75
CA GLY A 163 2.36 6.07 -18.93
C GLY A 163 1.26 5.03 -18.79
N ALA A 164 1.49 4.03 -17.94
CA ALA A 164 0.50 3.00 -17.67
C ALA A 164 -0.30 3.36 -16.42
N CYS A 165 -1.40 2.66 -16.19
CA CYS A 165 -2.17 2.80 -14.96
C CYS A 165 -1.95 1.54 -14.14
N ILE A 166 -0.92 1.57 -13.30
CA ILE A 166 -0.34 0.34 -12.78
C ILE A 166 -0.12 0.40 -11.26
N ALA A 167 -0.30 -0.74 -10.61
CA ALA A 167 -0.04 -0.86 -9.19
C ALA A 167 0.87 -2.07 -9.00
N LEU A 168 2.02 -1.85 -8.37
CA LEU A 168 2.87 -2.93 -7.92
C LEU A 168 2.32 -3.41 -6.58
N VAL A 169 1.69 -4.58 -6.58
CA VAL A 169 1.05 -5.10 -5.36
C VAL A 169 2.09 -5.64 -4.38
N SER A 170 3.09 -6.36 -4.89
CA SER A 170 4.22 -6.81 -4.08
C SER A 170 5.48 -7.01 -4.90
N VAL A 171 6.62 -6.82 -4.27
CA VAL A 171 7.91 -7.11 -4.87
C VAL A 171 8.62 -8.07 -3.96
N ARG A 172 9.04 -9.20 -4.51
CA ARG A 172 9.73 -10.21 -3.73
C ARG A 172 11.00 -10.61 -4.44
N VAL A 173 12.12 -10.45 -3.75
CA VAL A 173 13.45 -10.76 -4.27
C VAL A 173 13.97 -11.93 -3.45
N PHE A 174 14.40 -12.99 -4.11
CA PHE A 174 14.85 -14.20 -3.42
C PHE A 174 15.92 -14.95 -4.19
N TYR A 175 16.60 -15.85 -3.49
CA TYR A 175 17.46 -16.81 -4.16
C TYR A 175 16.97 -18.20 -3.80
N LYS A 176 17.28 -19.16 -4.66
CA LYS A 176 16.94 -20.55 -4.42
C LYS A 176 18.04 -21.19 -3.61
N ARG A 177 17.67 -21.86 -2.52
CA ARG A 177 18.64 -22.37 -1.54
C ARG A 177 19.37 -23.64 -1.99
N THR A 178 18.64 -24.56 -2.61
CA THR A 178 19.24 -25.81 -3.08
C THR A 178 18.84 -26.12 -4.54
N LYS A 179 18.44 -25.09 -5.28
CA LYS A 179 18.12 -25.17 -6.71
C LYS A 179 17.25 -26.38 -7.08
N ILE B 5 -3.04 16.89 -1.56
CA ILE B 5 -2.10 17.12 -0.42
C ILE B 5 -2.27 16.07 0.68
N VAL B 6 -1.25 15.97 1.53
CA VAL B 6 -1.22 15.01 2.63
C VAL B 6 -1.88 15.58 3.88
N LEU B 7 -2.95 14.95 4.34
CA LEU B 7 -3.67 15.38 5.54
C LEU B 7 -2.90 14.98 6.80
N GLU B 8 -3.30 15.55 7.93
CA GLU B 8 -2.64 15.30 9.22
C GLU B 8 -2.89 13.86 9.68
N PRO B 9 -1.81 13.13 10.06
CA PRO B 9 -1.97 11.72 10.43
C PRO B 9 -2.86 11.54 11.66
N ILE B 10 -3.63 10.46 11.66
CA ILE B 10 -4.48 10.13 12.79
C ILE B 10 -3.83 8.99 13.55
N TYR B 11 -3.37 9.26 14.77
CA TYR B 11 -2.84 8.23 15.64
C TYR B 11 -4.00 7.61 16.41
N TRP B 12 -4.15 6.29 16.30
CA TRP B 12 -5.27 5.58 16.91
C TRP B 12 -4.94 5.19 18.36
N ASN B 13 -5.20 6.11 19.29
CA ASN B 13 -5.01 5.87 20.73
C ASN B 13 -6.11 6.45 21.60
N SER B 14 -6.15 5.97 22.84
CA SER B 14 -7.10 6.44 23.84
C SER B 14 -6.76 7.84 24.34
N SER B 15 -5.47 8.18 24.36
CA SER B 15 -5.00 9.49 24.83
C SER B 15 -4.88 10.45 23.65
N ASN B 16 -5.96 10.57 22.88
CA ASN B 16 -5.92 11.19 21.57
C ASN B 16 -7.28 11.91 21.36
N SER B 17 -7.28 13.22 21.57
CA SER B 17 -8.52 13.99 21.79
C SER B 17 -9.32 14.37 20.56
N LYS B 18 -8.87 13.99 19.37
CA LYS B 18 -9.63 14.26 18.14
C LYS B 18 -11.00 13.57 18.15
N PHE B 19 -11.13 12.52 18.95
CA PHE B 19 -12.38 11.78 19.07
C PHE B 19 -13.27 12.40 20.15
N LEU B 20 -14.19 13.26 19.73
CA LEU B 20 -15.19 13.84 20.63
C LEU B 20 -16.10 12.75 21.19
N PRO B 21 -16.45 12.84 22.49
CA PRO B 21 -17.48 11.99 23.07
C PRO B 21 -18.77 11.99 22.25
N GLY B 22 -19.15 13.15 21.74
CA GLY B 22 -20.36 13.32 20.93
C GLY B 22 -20.43 12.41 19.72
N GLN B 23 -19.68 12.75 18.67
CA GLN B 23 -19.77 12.05 17.38
C GLN B 23 -18.41 11.60 16.81
N GLY B 24 -17.38 11.58 17.65
CA GLY B 24 -16.03 11.18 17.21
C GLY B 24 -15.40 12.17 16.26
N LEU B 25 -14.28 11.77 15.64
CA LEU B 25 -13.57 12.62 14.68
C LEU B 25 -14.31 12.72 13.35
N VAL B 26 -14.39 13.93 12.81
CA VAL B 26 -15.00 14.17 11.49
C VAL B 26 -13.97 14.83 10.57
N LEU B 27 -13.86 14.30 9.36
CA LEU B 27 -12.90 14.80 8.37
C LEU B 27 -13.59 15.17 7.07
N TYR B 28 -12.95 16.04 6.30
CA TYR B 28 -13.46 16.47 5.00
C TYR B 28 -12.37 16.30 3.93
N PRO B 29 -11.97 15.04 3.65
CA PRO B 29 -10.91 14.82 2.68
C PRO B 29 -11.40 15.05 1.25
N GLN B 30 -10.55 15.64 0.43
CA GLN B 30 -10.88 15.88 -0.98
C GLN B 30 -10.22 14.81 -1.86
N ILE B 31 -10.77 14.62 -3.06
CA ILE B 31 -10.26 13.62 -3.99
C ILE B 31 -8.81 13.93 -4.33
N GLY B 32 -7.93 12.95 -4.15
CA GLY B 32 -6.50 13.12 -4.35
C GLY B 32 -5.68 13.18 -3.07
N ASP B 33 -6.34 13.52 -1.97
CA ASP B 33 -5.67 13.58 -0.67
C ASP B 33 -5.24 12.19 -0.19
N LYS B 34 -4.25 12.15 0.69
CA LYS B 34 -3.94 10.91 1.41
C LYS B 34 -3.84 11.14 2.91
N LEU B 35 -4.06 10.06 3.65
CA LEU B 35 -4.16 10.10 5.10
C LEU B 35 -3.54 8.83 5.68
N ASP B 36 -2.67 8.98 6.67
CA ASP B 36 -2.13 7.86 7.42
C ASP B 36 -2.90 7.65 8.72
N ILE B 37 -3.23 6.40 9.01
CA ILE B 37 -3.72 6.01 10.33
C ILE B 37 -2.66 5.11 10.98
N ILE B 38 -2.13 5.55 12.12
CA ILE B 38 -0.98 4.93 12.75
C ILE B 38 -1.38 4.21 14.04
N CYS B 39 -0.80 3.03 14.26
CA CYS B 39 -1.00 2.31 15.51
C CYS B 39 -0.20 2.99 16.62
N PRO B 40 -0.67 2.84 17.87
CA PRO B 40 0.06 3.41 19.00
C PRO B 40 1.35 2.66 19.21
N LYS B 41 2.47 3.39 19.20
CA LYS B 41 3.80 2.81 19.35
C LYS B 41 4.37 3.18 20.71
N VAL B 42 5.14 2.27 21.30
CA VAL B 42 5.81 2.54 22.56
C VAL B 42 7.17 1.83 22.62
N ASP B 43 8.22 2.59 22.89
CA ASP B 43 9.57 2.03 23.06
C ASP B 43 9.69 1.37 24.43
N GLY B 48 6.50 2.33 28.15
CA GLY B 48 5.27 3.08 28.36
C GLY B 48 4.12 2.22 28.84
N GLN B 49 3.17 1.93 27.94
CA GLN B 49 1.99 1.11 28.24
C GLN B 49 1.34 0.66 26.94
N TYR B 50 1.14 -0.64 26.78
CA TYR B 50 0.68 -1.21 25.50
C TYR B 50 -0.82 -1.02 25.24
N GLU B 51 -1.15 -0.67 24.00
CA GLU B 51 -2.52 -0.61 23.52
C GLU B 51 -2.68 -1.51 22.29
N TYR B 52 -3.83 -2.17 22.20
CA TYR B 52 -4.12 -3.11 21.11
C TYR B 52 -5.44 -2.77 20.43
N TYR B 53 -5.43 -2.66 19.11
CA TYR B 53 -6.60 -2.25 18.34
C TYR B 53 -6.61 -2.91 16.96
N LYS B 54 -7.78 -3.42 16.57
CA LYS B 54 -8.04 -3.77 15.19
C LYS B 54 -8.98 -2.71 14.63
N VAL B 55 -8.53 -2.04 13.57
CA VAL B 55 -9.27 -0.91 13.00
C VAL B 55 -9.86 -1.30 11.65
N TYR B 56 -11.17 -1.12 11.50
CA TYR B 56 -11.88 -1.49 10.30
C TYR B 56 -12.54 -0.29 9.66
N MET B 57 -12.61 -0.29 8.33
CA MET B 57 -13.52 0.58 7.61
C MET B 57 -14.85 -0.16 7.55
N VAL B 58 -15.96 0.55 7.79
CA VAL B 58 -17.28 -0.07 7.87
C VAL B 58 -18.35 0.86 7.29
N ASP B 59 -19.57 0.36 7.20
CA ASP B 59 -20.71 1.15 6.73
C ASP B 59 -21.40 1.86 7.89
N LYS B 60 -22.41 2.68 7.58
CA LYS B 60 -23.08 3.50 8.60
C LYS B 60 -23.71 2.66 9.72
N ASP B 61 -24.32 1.53 9.36
CA ASP B 61 -25.06 0.72 10.34
C ASP B 61 -24.15 0.11 11.39
N GLN B 62 -23.00 -0.40 10.96
CA GLN B 62 -22.00 -0.96 11.88
C GLN B 62 -21.41 0.11 12.79
N ALA B 63 -21.11 1.27 12.23
CA ALA B 63 -20.49 2.38 12.97
C ALA B 63 -21.39 2.89 14.08
N ASP B 64 -22.69 3.01 13.78
CA ASP B 64 -23.68 3.44 14.77
C ASP B 64 -23.76 2.43 15.92
N ARG B 65 -23.68 1.15 15.59
CA ARG B 65 -23.85 0.06 16.54
C ARG B 65 -22.54 -0.37 17.19
N CYS B 66 -21.42 0.12 16.65
CA CYS B 66 -20.09 -0.28 17.09
C CYS B 66 -19.94 -1.80 17.09
N THR B 67 -20.16 -2.40 15.91
CA THR B 67 -20.06 -3.83 15.71
C THR B 67 -19.22 -4.13 14.48
N ILE B 68 -18.72 -5.36 14.40
CA ILE B 68 -17.87 -5.80 13.29
C ILE B 68 -18.41 -7.12 12.73
N LYS B 69 -18.35 -7.27 11.42
CA LYS B 69 -18.73 -8.52 10.77
C LYS B 69 -17.57 -9.52 10.80
N LYS B 70 -17.89 -10.81 10.78
CA LYS B 70 -16.86 -11.86 10.79
C LYS B 70 -16.06 -11.90 9.48
N GLU B 71 -16.65 -11.42 8.38
CA GLU B 71 -15.92 -11.31 7.12
C GLU B 71 -15.22 -9.96 6.92
N ASN B 72 -15.42 -9.02 7.85
CA ASN B 72 -14.78 -7.71 7.76
C ASN B 72 -13.26 -7.81 7.90
N THR B 73 -12.55 -6.93 7.20
CA THR B 73 -11.10 -7.00 7.08
C THR B 73 -10.43 -5.75 7.67
N PRO B 74 -9.62 -5.93 8.73
CA PRO B 74 -9.08 -4.77 9.42
C PRO B 74 -8.08 -3.98 8.57
N LEU B 75 -8.37 -2.70 8.33
CA LEU B 75 -7.40 -1.80 7.72
C LEU B 75 -6.08 -1.86 8.47
N LEU B 76 -6.16 -1.90 9.80
CA LEU B 76 -4.99 -1.83 10.65
C LEU B 76 -5.09 -2.88 11.76
N ASN B 77 -4.00 -3.62 11.97
CA ASN B 77 -3.94 -4.63 13.03
C ASN B 77 -2.87 -4.27 14.05
N CYS B 78 -3.25 -3.48 15.05
CA CYS B 78 -2.29 -2.95 16.01
C CYS B 78 -2.02 -3.99 17.10
N ALA B 79 -1.35 -5.05 16.70
CA ALA B 79 -1.01 -6.16 17.59
C ALA B 79 0.47 -6.09 18.00
N LYS B 80 1.20 -5.16 17.41
CA LYS B 80 2.63 -5.02 17.66
C LYS B 80 2.92 -3.56 18.03
N PRO B 81 2.67 -3.19 19.30
CA PRO B 81 2.83 -1.80 19.76
C PRO B 81 4.28 -1.28 19.86
N ASP B 82 5.27 -2.16 19.78
CA ASP B 82 6.66 -1.71 19.70
C ASP B 82 7.09 -1.42 18.26
N GLN B 83 6.24 -1.80 17.31
CA GLN B 83 6.57 -1.72 15.89
C GLN B 83 5.81 -0.56 15.23
N ASP B 84 6.37 -0.05 14.13
CA ASP B 84 5.69 0.95 13.30
C ASP B 84 4.66 0.25 12.40
N ILE B 85 3.38 0.54 12.64
CA ILE B 85 2.31 0.00 11.80
C ILE B 85 1.42 1.16 11.39
N LYS B 86 0.98 1.12 10.13
CA LYS B 86 0.37 2.28 9.49
C LYS B 86 -0.45 1.85 8.28
N PHE B 87 -1.53 2.56 8.02
CA PHE B 87 -2.30 2.40 6.78
C PHE B 87 -2.43 3.76 6.10
N THR B 88 -1.95 3.87 4.87
CA THR B 88 -2.07 5.10 4.08
C THR B 88 -3.24 4.98 3.10
N ILE B 89 -4.29 5.77 3.36
CA ILE B 89 -5.45 5.86 2.48
C ILE B 89 -5.16 6.90 1.41
N LYS B 90 -5.44 6.56 0.16
CA LYS B 90 -5.41 7.52 -0.94
C LYS B 90 -6.85 7.73 -1.39
N PHE B 91 -7.34 8.97 -1.29
CA PHE B 91 -8.73 9.26 -1.61
C PHE B 91 -8.92 9.45 -3.11
N GLN B 92 -8.81 8.32 -3.81
CA GLN B 92 -8.89 8.26 -5.25
C GLN B 92 -10.26 7.79 -5.69
N GLU B 93 -10.67 8.21 -6.88
CA GLU B 93 -11.91 7.71 -7.48
C GLU B 93 -11.64 6.47 -8.33
N PHE B 94 -10.42 6.36 -8.84
CA PHE B 94 -10.05 5.26 -9.73
C PHE B 94 -8.71 4.64 -9.32
N SER B 95 -8.78 3.49 -8.66
CA SER B 95 -7.58 2.81 -8.19
C SER B 95 -6.88 2.08 -9.34
N PRO B 96 -5.55 2.30 -9.50
CA PRO B 96 -4.75 1.44 -10.39
C PRO B 96 -4.55 0.05 -9.80
N ASN B 97 -4.87 -0.10 -8.51
CA ASN B 97 -4.75 -1.36 -7.80
C ASN B 97 -6.10 -2.09 -7.79
N LEU B 98 -6.11 -3.35 -8.23
CA LEU B 98 -7.30 -4.21 -8.15
C LEU B 98 -7.86 -4.32 -6.74
N TRP B 99 -6.97 -4.29 -5.74
CA TRP B 99 -7.35 -4.46 -4.35
C TRP B 99 -7.31 -3.17 -3.56
N GLY B 100 -7.25 -2.03 -4.25
CA GLY B 100 -7.18 -0.73 -3.61
C GLY B 100 -8.55 -0.17 -3.27
N LEU B 101 -8.57 0.84 -2.40
CA LEU B 101 -9.80 1.50 -1.99
C LEU B 101 -10.18 2.59 -2.99
N GLU B 102 -11.48 2.70 -3.27
CA GLU B 102 -12.01 3.77 -4.10
C GLU B 102 -13.08 4.55 -3.33
N PHE B 103 -13.10 5.85 -3.54
CA PHE B 103 -14.05 6.73 -2.89
C PHE B 103 -14.75 7.59 -3.92
N GLN B 104 -15.92 8.10 -3.59
CA GLN B 104 -16.64 9.01 -4.47
C GLN B 104 -17.10 10.25 -3.70
N LYS B 105 -17.25 11.35 -4.45
CA LYS B 105 -17.61 12.64 -3.86
C LYS B 105 -19.00 12.61 -3.24
N ASN B 106 -19.20 13.42 -2.21
CA ASN B 106 -20.47 13.52 -1.50
C ASN B 106 -20.98 12.19 -0.92
N LYS B 107 -20.05 11.29 -0.59
CA LYS B 107 -20.37 10.05 0.12
C LYS B 107 -19.52 9.97 1.38
N ASP B 108 -20.12 9.48 2.46
CA ASP B 108 -19.47 9.43 3.76
C ASP B 108 -18.94 8.04 4.04
N TYR B 109 -17.73 7.97 4.58
CA TYR B 109 -17.09 6.70 4.92
C TYR B 109 -16.75 6.69 6.41
N TYR B 110 -16.54 5.49 6.96
CA TYR B 110 -16.46 5.30 8.40
C TYR B 110 -15.32 4.37 8.79
N ILE B 111 -14.51 4.77 9.77
CA ILE B 111 -13.54 3.87 10.40
C ILE B 111 -13.89 3.73 11.88
N ILE B 112 -13.89 2.49 12.39
CA ILE B 112 -14.17 2.24 13.80
C ILE B 112 -13.25 1.16 14.37
N SER B 113 -13.30 0.98 15.69
CA SER B 113 -12.63 -0.12 16.36
C SER B 113 -13.43 -0.58 17.58
N THR B 114 -13.79 -1.86 17.59
CA THR B 114 -14.57 -2.43 18.67
C THR B 114 -13.71 -3.25 19.64
N SER B 115 -12.39 -3.21 19.43
CA SER B 115 -11.44 -3.67 20.44
C SER B 115 -11.50 -2.75 21.66
N ASN B 116 -11.22 -3.28 22.85
CA ASN B 116 -11.34 -2.50 24.08
C ASN B 116 -10.03 -1.84 24.51
N GLY B 117 -8.95 -2.12 23.78
CA GLY B 117 -7.64 -1.51 24.03
C GLY B 117 -6.64 -2.44 24.69
N SER B 118 -7.10 -3.56 25.23
CA SER B 118 -6.21 -4.54 25.85
C SER B 118 -5.97 -5.72 24.90
N LEU B 119 -4.97 -6.53 25.24
CA LEU B 119 -4.59 -7.67 24.41
C LEU B 119 -5.72 -8.69 24.29
N GLU B 120 -6.36 -8.98 25.42
CA GLU B 120 -7.42 -9.98 25.48
C GLU B 120 -8.73 -9.54 24.79
N GLY B 121 -8.92 -8.23 24.65
CA GLY B 121 -10.10 -7.69 23.98
C GLY B 121 -9.89 -7.27 22.53
N LEU B 122 -8.74 -7.62 21.96
CA LEU B 122 -8.38 -7.21 20.60
C LEU B 122 -9.37 -7.69 19.54
N ASP B 123 -9.95 -8.87 19.78
CA ASP B 123 -10.86 -9.50 18.82
C ASP B 123 -12.33 -9.20 19.08
N ASN B 124 -12.63 -8.50 20.16
CA ASN B 124 -14.00 -8.06 20.48
C ASN B 124 -14.73 -7.63 19.21
N GLN B 125 -15.89 -8.25 18.97
CA GLN B 125 -16.67 -7.97 17.76
C GLN B 125 -17.56 -6.74 17.90
N GLU B 126 -17.85 -6.32 19.13
CA GLU B 126 -18.66 -5.13 19.35
C GLU B 126 -18.30 -4.38 20.64
N GLY B 127 -18.76 -3.13 20.72
CA GLY B 127 -18.48 -2.28 21.87
C GLY B 127 -17.10 -1.67 21.79
N GLY B 128 -16.28 -1.94 22.80
CA GLY B 128 -14.88 -1.51 22.82
C GLY B 128 -14.69 -0.02 22.98
N VAL B 129 -13.76 0.54 22.21
CA VAL B 129 -13.46 1.97 22.24
C VAL B 129 -14.33 2.77 21.27
N CYS B 130 -14.97 2.09 20.32
CA CYS B 130 -15.97 2.74 19.48
C CYS B 130 -17.11 3.22 20.36
N GLN B 131 -17.55 2.34 21.26
CA GLN B 131 -18.63 2.64 22.20
C GLN B 131 -18.15 3.59 23.29
N THR B 132 -17.10 3.20 24.01
CA THR B 132 -16.69 3.88 25.24
C THR B 132 -15.94 5.21 25.03
N ARG B 133 -14.96 5.22 24.13
CA ARG B 133 -14.11 6.41 23.91
C ARG B 133 -14.43 7.16 22.62
N ALA B 134 -15.52 6.77 21.96
CA ALA B 134 -15.96 7.40 20.70
C ALA B 134 -14.90 7.38 19.60
N MET B 135 -14.05 6.35 19.60
CA MET B 135 -12.99 6.22 18.60
C MET B 135 -13.61 5.80 17.27
N LYS B 136 -13.93 6.79 16.46
CA LYS B 136 -14.80 6.61 15.30
C LYS B 136 -14.52 7.74 14.31
N ILE B 137 -14.07 7.39 13.10
CA ILE B 137 -13.77 8.39 12.08
C ILE B 137 -14.87 8.44 11.04
N LEU B 138 -15.51 9.61 10.91
CA LEU B 138 -16.39 9.90 9.79
C LEU B 138 -15.58 10.68 8.77
N MET B 139 -15.56 10.22 7.52
CA MET B 139 -14.86 10.91 6.45
C MET B 139 -15.85 11.36 5.39
N LYS B 140 -16.09 12.67 5.34
CA LYS B 140 -17.02 13.25 4.38
C LYS B 140 -16.24 13.66 3.13
N VAL B 141 -16.16 12.73 2.18
CA VAL B 141 -15.30 12.90 1.00
C VAL B 141 -15.88 13.89 0.01
N GLY B 142 -15.09 14.90 -0.37
CA GLY B 142 -15.46 15.85 -1.41
C GLY B 142 -16.49 16.89 -1.02
N GLN B 143 -16.68 17.11 0.29
CA GLN B 143 -17.71 18.01 0.80
C GLN B 143 -17.11 19.24 1.47
N ASP B 144 -17.97 20.10 2.01
CA ASP B 144 -17.54 21.35 2.66
C ASP B 144 -16.88 21.09 4.02
#